data_4G8H
#
_entry.id   4G8H
#
_cell.length_a   62.677
_cell.length_b   49.945
_cell.length_c   65.558
_cell.angle_alpha   90.00
_cell.angle_beta   107.13
_cell.angle_gamma   90.00
#
_symmetry.space_group_name_H-M   'P 1 21 1'
#
loop_
_entity.id
_entity.type
_entity.pdbx_description
1 polymer Lactotransferrin
2 branched 2-acetamido-2-deoxy-beta-D-glucopyranose-(1-4)-2-acetamido-2-deoxy-beta-D-glucopyranose
3 non-polymer 2-acetamido-2-deoxy-beta-D-glucopyranose
4 non-polymer 'ZINC ION'
5 non-polymer 'FE (III) ION'
6 non-polymer 'CARBONATE ION'
7 non-polymer 'SULFATE ION'
8 non-polymer '[6-(4-CHLOROPHENYL)-2,2-DIMETHYL-7-PHENYL-2,3-DIHYDRO-1H-PYRROLIZIN-5-YL]ACETIC ACID'
9 water water
#
_entity_poly.entity_id   1
_entity_poly.type   'polypeptide(L)'
_entity_poly.pdbx_seq_one_letter_code
;YTRVVWCAVGPEEQKKCQQWSQQSGQNVTCATASTTDDCIVLVLKGEADALNLDGGYIYTAGKCGLVPVLAENRKSSKHS
SLDCVLRPTEGYLAVAVVKKANEGLTWNSLKDKKSCHTAVDRTAGWNIPMGLIVNQTGSCAFDEFFSQSCAPGADPKSRL
CALCAGDDQGLDKCVPNSKEKYYGYTGAFRCLAEDVGDVAFVKNDTVWENTNGESTADWAKNLKREDFRLLCLDGTRKPV
TEAQSCHLAVAPNHAVVSRSDRAAHVEQVLLHQQALFGKNGKNCPDKFCLFKSETKNLLFNDNTECLAKLGGRPTYEEYL
GTEYVTAIANLKKCSTSPLLEACAF
;
_entity_poly.pdbx_strand_id   A
#
# COMPACT_ATOMS: atom_id res chain seq x y z
N TYR A 1 -18.18 -23.42 -10.65
CA TYR A 1 -16.72 -23.51 -10.30
C TYR A 1 -16.03 -22.16 -10.48
N THR A 2 -16.87 -21.18 -10.22
CA THR A 2 -16.46 -19.85 -9.90
C THR A 2 -16.32 -19.77 -8.33
N ARG A 3 -15.58 -20.74 -7.74
CA ARG A 3 -14.89 -20.46 -6.45
C ARG A 3 -13.68 -19.57 -6.90
N VAL A 4 -13.43 -18.49 -6.14
CA VAL A 4 -12.28 -17.62 -6.37
C VAL A 4 -11.29 -17.85 -5.24
N VAL A 5 -10.04 -18.11 -5.56
CA VAL A 5 -9.04 -18.41 -4.56
C VAL A 5 -8.28 -17.08 -4.37
N TRP A 6 -8.44 -16.47 -3.20
CA TRP A 6 -7.76 -15.22 -2.90
C TRP A 6 -6.41 -15.53 -2.38
N CYS A 7 -5.43 -14.65 -2.56
CA CYS A 7 -4.07 -14.86 -1.99
C CYS A 7 -3.86 -13.87 -0.87
N ALA A 8 -3.60 -14.41 0.30
CA ALA A 8 -3.34 -13.61 1.53
C ALA A 8 -1.84 -13.59 1.79
N VAL A 9 -1.35 -12.42 2.15
CA VAL A 9 0.03 -12.13 2.37
C VAL A 9 0.26 -12.16 3.90
N GLY A 10 0.95 -13.19 4.35
CA GLY A 10 1.16 -13.44 5.80
C GLY A 10 -0.04 -13.92 6.58
N PRO A 11 0.19 -14.26 7.89
CA PRO A 11 -0.81 -14.93 8.74
C PRO A 11 -2.00 -14.13 9.20
N GLU A 12 -1.87 -12.81 9.26
CA GLU A 12 -2.98 -12.03 9.72
C GLU A 12 -3.97 -11.85 8.59
N GLU A 13 -3.43 -11.68 7.37
CA GLU A 13 -4.29 -11.63 6.19
C GLU A 13 -4.96 -13.00 6.02
N GLN A 14 -4.20 -14.06 6.28
CA GLN A 14 -4.71 -15.43 6.08
C GLN A 14 -5.88 -15.60 7.03
N LYS A 15 -5.76 -15.14 8.29
CA LYS A 15 -6.89 -15.28 9.24
C LYS A 15 -8.09 -14.51 8.74
N LYS A 16 -7.89 -13.30 8.19
CA LYS A 16 -9.09 -12.56 7.71
C LYS A 16 -9.71 -13.26 6.49
N CYS A 17 -8.87 -13.79 5.65
CA CYS A 17 -9.34 -14.46 4.48
C CYS A 17 -10.12 -15.71 4.89
N GLN A 18 -9.61 -16.49 5.87
CA GLN A 18 -10.38 -17.59 6.36
C GLN A 18 -11.79 -17.22 6.83
N GLN A 19 -11.95 -16.10 7.53
CA GLN A 19 -13.25 -15.66 8.00
C GLN A 19 -14.15 -15.27 6.82
N TRP A 20 -13.56 -14.59 5.83
CA TRP A 20 -14.28 -14.24 4.62
C TRP A 20 -14.71 -15.52 3.94
N SER A 21 -13.80 -16.49 3.81
CA SER A 21 -14.15 -17.77 3.13
C SER A 21 -15.35 -18.47 3.80
N GLN A 22 -15.25 -18.69 5.12
CA GLN A 22 -16.35 -19.21 5.94
C GLN A 22 -17.67 -18.43 5.70
N GLN A 23 -17.66 -17.09 5.77
CA GLN A 23 -18.87 -16.31 5.57
C GLN A 23 -19.40 -16.33 4.18
N SER A 24 -18.56 -16.58 3.18
CA SER A 24 -18.98 -16.59 1.80
C SER A 24 -19.49 -17.98 1.41
N GLY A 25 -19.48 -18.91 2.36
CA GLY A 25 -19.87 -20.32 2.06
C GLY A 25 -18.92 -20.94 1.03
N GLN A 26 -17.61 -20.66 1.18
CA GLN A 26 -16.54 -21.05 0.22
C GLN A 26 -16.73 -20.62 -1.20
N ASN A 27 -17.53 -19.59 -1.45
CA ASN A 27 -17.40 -18.88 -2.74
C ASN A 27 -15.99 -18.30 -3.02
N VAL A 28 -15.34 -17.95 -1.92
CA VAL A 28 -13.98 -17.49 -1.88
C VAL A 28 -13.26 -18.43 -0.94
N THR A 29 -12.09 -18.93 -1.36
CA THR A 29 -11.17 -19.66 -0.45
C THR A 29 -9.79 -18.98 -0.49
N CYS A 30 -8.80 -19.52 0.25
CA CYS A 30 -7.62 -18.72 0.58
C CYS A 30 -6.40 -19.54 0.23
N ALA A 31 -5.47 -18.96 -0.48
CA ALA A 31 -4.06 -19.48 -0.51
C ALA A 31 -3.31 -18.45 0.29
N THR A 32 -2.17 -18.81 0.83
CA THR A 32 -1.40 -17.79 1.61
C THR A 32 0.01 -17.90 1.21
N ALA A 33 0.71 -16.75 1.15
CA ALA A 33 2.15 -16.77 0.92
C ALA A 33 2.82 -15.79 1.89
N SER A 34 4.15 -15.79 1.95
CA SER A 34 4.80 -14.89 2.90
C SER A 34 4.95 -13.48 2.38
N THR A 35 4.95 -13.31 1.08
CA THR A 35 5.23 -12.00 0.52
C THR A 35 4.28 -11.77 -0.65
N THR A 36 4.11 -10.46 -0.97
CA THR A 36 3.29 -10.11 -2.15
C THR A 36 3.86 -10.72 -3.47
N ASP A 37 5.16 -10.68 -3.65
CA ASP A 37 5.76 -11.36 -4.80
C ASP A 37 5.42 -12.84 -4.87
N ASP A 38 5.47 -13.52 -3.74
CA ASP A 38 5.11 -14.91 -3.75
C ASP A 38 3.64 -15.17 -4.07
N CYS A 39 2.77 -14.27 -3.64
CA CYS A 39 1.38 -14.39 -4.04
C CYS A 39 1.19 -14.20 -5.55
N ILE A 40 1.94 -13.28 -6.12
CA ILE A 40 1.86 -13.06 -7.57
C ILE A 40 2.30 -14.36 -8.29
N VAL A 41 3.36 -14.94 -7.79
CA VAL A 41 3.75 -16.30 -8.34
C VAL A 41 2.68 -17.37 -8.23
N LEU A 42 1.95 -17.48 -7.08
CA LEU A 42 0.87 -18.44 -6.99
C LEU A 42 -0.21 -18.15 -8.03
N VAL A 43 -0.52 -16.87 -8.18
CA VAL A 43 -1.48 -16.50 -9.25
C VAL A 43 -0.96 -16.89 -10.63
N LEU A 44 0.30 -16.61 -10.91
CA LEU A 44 0.88 -16.99 -12.26
C LEU A 44 0.80 -18.50 -12.45
N LYS A 45 1.03 -19.28 -11.39
CA LYS A 45 0.89 -20.78 -11.51
C LYS A 45 -0.54 -21.31 -11.59
N GLY A 46 -1.53 -20.50 -11.26
CA GLY A 46 -2.94 -20.87 -11.37
C GLY A 46 -3.33 -21.53 -10.05
N GLU A 47 -2.49 -21.35 -9.00
CA GLU A 47 -2.75 -21.85 -7.63
C GLU A 47 -3.51 -20.85 -6.74
N ALA A 48 -3.62 -19.58 -7.19
CA ALA A 48 -4.55 -18.63 -6.59
C ALA A 48 -5.09 -17.83 -7.80
N ASP A 49 -6.24 -17.18 -7.59
CA ASP A 49 -6.84 -16.38 -8.65
C ASP A 49 -6.51 -14.89 -8.61
N ALA A 50 -6.44 -14.32 -7.38
CA ALA A 50 -6.42 -12.81 -7.30
C ALA A 50 -5.90 -12.30 -5.97
N LEU A 51 -5.49 -11.06 -5.94
CA LEU A 51 -5.31 -10.33 -4.63
C LEU A 51 -5.35 -8.86 -4.99
N ASN A 52 -5.47 -8.07 -3.95
CA ASN A 52 -5.43 -6.62 -4.15
C ASN A 52 -4.03 -6.06 -3.88
N LEU A 53 -3.54 -5.17 -4.74
CA LEU A 53 -2.10 -4.74 -4.81
C LEU A 53 -1.87 -3.27 -4.85
N ASP A 54 -0.85 -2.78 -4.10
CA ASP A 54 -0.34 -1.50 -4.34
C ASP A 54 0.19 -1.32 -5.82
N GLY A 55 0.20 -0.10 -6.36
CA GLY A 55 0.63 0.17 -7.75
C GLY A 55 2.02 -0.35 -8.14
N GLY A 56 3.03 -0.26 -7.24
CA GLY A 56 4.35 -0.78 -7.55
C GLY A 56 4.27 -2.29 -7.74
N TYR A 57 3.43 -2.98 -6.97
CA TYR A 57 3.28 -4.43 -7.17
C TYR A 57 2.43 -4.74 -8.42
N ILE A 58 1.45 -3.88 -8.69
CA ILE A 58 0.73 -4.03 -10.00
C ILE A 58 1.73 -4.01 -11.20
N TYR A 59 2.79 -3.17 -11.14
CA TYR A 59 3.81 -3.09 -12.17
C TYR A 59 4.49 -4.48 -12.29
N THR A 60 4.90 -5.02 -11.16
CA THR A 60 5.45 -6.41 -11.19
C THR A 60 4.49 -7.44 -11.77
N ALA A 61 3.24 -7.47 -11.31
CA ALA A 61 2.23 -8.51 -11.71
C ALA A 61 1.95 -8.28 -13.21
N GLY A 62 1.95 -7.00 -13.61
CA GLY A 62 1.58 -6.62 -15.00
C GLY A 62 2.66 -7.03 -15.99
N LYS A 63 3.91 -6.95 -15.63
CA LYS A 63 4.96 -7.40 -16.47
C LYS A 63 4.89 -8.91 -16.66
N CYS A 64 4.29 -9.63 -15.71
CA CYS A 64 4.18 -11.09 -15.82
C CYS A 64 2.87 -11.51 -16.44
N GLY A 65 2.09 -10.55 -16.99
CA GLY A 65 0.83 -10.87 -17.68
C GLY A 65 -0.42 -10.77 -16.82
N LEU A 66 -0.35 -10.28 -15.54
CA LEU A 66 -1.60 -10.26 -14.83
C LEU A 66 -2.26 -8.89 -15.14
N VAL A 67 -3.58 -8.78 -14.91
CA VAL A 67 -4.35 -7.59 -15.37
C VAL A 67 -5.14 -6.95 -14.21
N PRO A 68 -5.35 -5.63 -14.26
CA PRO A 68 -6.17 -5.02 -13.18
C PRO A 68 -7.67 -5.40 -13.36
N VAL A 69 -8.42 -5.59 -12.29
CA VAL A 69 -9.76 -6.04 -12.40
C VAL A 69 -10.77 -5.00 -11.84
N LEU A 70 -10.59 -4.57 -10.58
CA LEU A 70 -11.44 -3.52 -9.92
C LEU A 70 -10.42 -2.75 -9.02
N ALA A 71 -10.68 -1.47 -8.80
CA ALA A 71 -9.82 -0.59 -7.98
C ALA A 71 -10.46 -0.23 -6.64
N GLU A 72 -9.64 -0.05 -5.60
CA GLU A 72 -10.19 0.52 -4.36
C GLU A 72 -10.65 1.95 -4.63
N ASN A 73 -11.81 2.30 -4.10
CA ASN A 73 -12.27 3.67 -4.20
C ASN A 73 -12.61 4.11 -2.81
N ARG A 74 -12.05 5.22 -2.37
CA ARG A 74 -12.32 5.66 -0.99
C ARG A 74 -13.33 6.80 -1.09
N LYS A 75 -13.71 7.41 0.05
CA LYS A 75 -14.63 8.58 0.04
C LYS A 75 -14.18 9.71 -0.89
N SER A 76 -15.14 10.41 -1.51
CA SER A 76 -14.83 11.54 -2.37
C SER A 76 -15.72 12.73 -2.02
N SER A 77 -15.41 13.88 -2.61
CA SER A 77 -16.25 15.07 -2.49
C SER A 77 -17.20 15.20 -3.67
N LYS A 78 -16.69 15.77 -4.78
CA LYS A 78 -17.47 15.91 -6.00
C LYS A 78 -17.57 14.55 -6.70
N HIS A 79 -18.32 14.50 -7.81
CA HIS A 79 -18.73 13.24 -8.49
C HIS A 79 -19.69 12.43 -7.63
N SER A 80 -20.28 13.09 -6.62
CA SER A 80 -21.05 12.40 -5.56
C SER A 80 -22.43 11.81 -6.00
N SER A 81 -22.92 12.18 -7.19
CA SER A 81 -24.14 11.57 -7.75
C SER A 81 -23.92 10.08 -7.99
N LEU A 82 -22.77 9.77 -8.61
CA LEU A 82 -22.42 8.41 -9.00
C LEU A 82 -22.37 7.36 -7.86
N ASP A 83 -22.81 6.15 -8.18
CA ASP A 83 -22.64 5.05 -7.24
C ASP A 83 -21.10 4.86 -7.11
N CYS A 84 -20.62 4.51 -5.92
CA CYS A 84 -19.16 4.21 -5.63
C CYS A 84 -18.56 3.25 -6.68
N VAL A 85 -19.28 2.20 -7.06
CA VAL A 85 -18.74 1.19 -7.99
C VAL A 85 -18.49 1.75 -9.38
N LEU A 86 -19.17 2.86 -9.68
CA LEU A 86 -19.08 3.52 -10.99
C LEU A 86 -18.26 4.80 -11.02
N ARG A 87 -17.96 5.32 -9.84
CA ARG A 87 -17.24 6.59 -9.75
C ARG A 87 -15.75 6.46 -10.17
N PRO A 88 -15.22 7.42 -10.98
CA PRO A 88 -13.79 7.26 -11.38
C PRO A 88 -12.91 7.28 -10.09
N THR A 89 -11.78 6.59 -10.07
CA THR A 89 -10.91 6.70 -8.86
C THR A 89 -10.09 8.02 -8.95
N GLU A 90 -9.68 8.56 -7.79
CA GLU A 90 -8.97 9.86 -7.70
C GLU A 90 -7.45 9.76 -7.34
N GLY A 91 -6.96 8.58 -7.01
CA GLY A 91 -5.46 8.49 -6.71
C GLY A 91 -5.29 8.95 -5.26
N TYR A 92 -4.16 8.63 -4.63
CA TYR A 92 -4.00 9.14 -3.29
C TYR A 92 -2.70 9.90 -3.30
N LEU A 93 -2.47 10.75 -2.28
CA LEU A 93 -1.31 11.58 -2.28
C LEU A 93 -0.15 10.86 -1.50
N ALA A 94 0.98 10.63 -2.16
CA ALA A 94 2.19 10.10 -1.55
C ALA A 94 2.83 11.35 -0.81
N VAL A 95 3.11 11.22 0.48
CA VAL A 95 3.77 12.35 1.16
C VAL A 95 4.99 11.89 1.97
N ALA A 96 5.78 12.87 2.45
CA ALA A 96 6.90 12.53 3.34
C ALA A 96 6.59 13.29 4.66
N VAL A 97 6.50 12.56 5.76
CA VAL A 97 5.98 13.08 7.02
C VAL A 97 7.13 13.06 8.04
N VAL A 98 7.22 14.15 8.80
CA VAL A 98 8.25 14.25 9.84
C VAL A 98 7.59 14.79 11.13
N LYS A 99 8.36 14.83 12.24
CA LYS A 99 7.81 15.43 13.45
C LYS A 99 8.08 16.98 13.39
N LYS A 100 7.06 17.73 13.80
CA LYS A 100 7.18 19.24 13.89
C LYS A 100 8.44 19.56 14.77
N ALA A 101 8.61 18.82 15.85
CA ALA A 101 9.72 19.07 16.74
C ALA A 101 11.07 18.78 16.16
N ASN A 102 11.13 18.06 15.01
CA ASN A 102 12.44 17.85 14.33
C ASN A 102 12.67 19.05 13.41
N GLU A 103 13.00 20.24 14.00
CA GLU A 103 13.01 21.47 13.23
C GLU A 103 14.14 21.59 12.21
N GLY A 104 13.89 22.26 11.10
CA GLY A 104 14.98 22.29 10.06
C GLY A 104 15.32 20.95 9.33
N LEU A 105 14.57 19.89 9.59
CA LEU A 105 14.51 18.79 8.62
C LEU A 105 13.60 19.22 7.47
N THR A 106 14.12 19.16 6.27
CA THR A 106 13.32 19.41 5.09
C THR A 106 13.70 18.37 4.03
N TRP A 107 12.95 18.36 2.92
CA TRP A 107 13.34 17.56 1.75
C TRP A 107 14.82 17.62 1.45
N ASN A 108 15.43 18.81 1.53
CA ASN A 108 16.83 19.03 1.18
C ASN A 108 17.84 18.70 2.25
N SER A 109 17.42 18.26 3.43
CA SER A 109 18.41 17.77 4.38
C SER A 109 18.20 16.29 4.78
N LEU A 110 17.57 15.52 3.89
CA LEU A 110 17.21 14.14 4.22
C LEU A 110 18.44 13.18 4.26
N LYS A 111 19.49 13.50 3.50
CA LYS A 111 20.72 12.66 3.46
C LYS A 111 21.22 12.31 4.87
N ASP A 112 21.52 11.03 5.10
CA ASP A 112 21.97 10.54 6.42
C ASP A 112 20.96 10.54 7.57
N LYS A 113 19.68 10.83 7.30
CA LYS A 113 18.65 10.68 8.32
C LYS A 113 18.12 9.21 8.30
N LYS A 114 17.18 8.94 9.17
CA LYS A 114 16.60 7.60 9.35
C LYS A 114 15.24 7.62 8.69
N SER A 115 14.95 6.59 7.88
CA SER A 115 13.67 6.59 7.09
C SER A 115 12.82 5.37 7.34
N CYS A 116 11.51 5.57 7.18
CA CYS A 116 10.54 4.52 7.41
C CYS A 116 9.76 4.41 6.06
N HIS A 117 9.69 3.21 5.51
CA HIS A 117 9.04 3.00 4.20
C HIS A 117 8.05 1.91 4.33
N THR A 118 6.92 1.93 3.56
CA THR A 118 5.90 0.89 3.72
C THR A 118 6.51 -0.48 3.35
N ALA A 119 7.22 -0.52 2.22
CA ALA A 119 7.99 -1.75 1.70
C ALA A 119 8.73 -1.41 0.44
N VAL A 120 9.85 -2.07 0.19
CA VAL A 120 10.49 -1.97 -1.10
C VAL A 120 9.39 -2.29 -2.16
N ASP A 121 9.51 -1.61 -3.28
CA ASP A 121 8.64 -1.79 -4.44
C ASP A 121 7.24 -1.16 -4.37
N ARG A 122 6.91 -0.53 -3.26
CA ARG A 122 5.54 0.06 -3.13
C ARG A 122 5.58 1.51 -3.57
N THR A 123 4.44 2.08 -3.95
CA THR A 123 4.44 3.37 -4.60
C THR A 123 4.91 4.58 -3.66
N ALA A 124 4.12 4.87 -2.62
CA ALA A 124 4.40 6.04 -1.80
C ALA A 124 5.55 5.63 -0.95
N GLY A 125 5.61 4.38 -0.53
CA GLY A 125 6.73 4.08 0.47
C GLY A 125 8.10 3.93 -0.16
N TRP A 126 8.13 3.71 -1.48
CA TRP A 126 9.46 3.39 -2.10
C TRP A 126 9.68 3.97 -3.53
N ASN A 127 8.85 3.60 -4.51
CA ASN A 127 9.14 3.98 -5.84
C ASN A 127 9.20 5.51 -6.09
N ILE A 128 8.31 6.22 -5.47
CA ILE A 128 8.20 7.68 -5.65
C ILE A 128 9.39 8.35 -4.90
N PRO A 129 9.53 8.11 -3.61
CA PRO A 129 10.63 8.87 -2.96
C PRO A 129 12.02 8.41 -3.38
N MET A 130 12.30 7.10 -3.52
CA MET A 130 13.62 6.67 -3.96
C MET A 130 13.85 7.04 -5.44
N GLY A 131 12.80 7.05 -6.24
CA GLY A 131 13.00 7.54 -7.63
C GLY A 131 13.39 9.01 -7.64
N LEU A 132 12.67 9.83 -6.88
CA LEU A 132 13.01 11.24 -6.77
C LEU A 132 14.42 11.40 -6.20
N ILE A 133 14.75 10.64 -5.16
CA ILE A 133 16.08 10.75 -4.60
C ILE A 133 17.22 10.35 -5.55
N VAL A 134 17.07 9.23 -6.28
CA VAL A 134 18.09 8.78 -7.30
C VAL A 134 18.30 9.87 -8.33
N ASN A 135 17.20 10.34 -8.89
CA ASN A 135 17.21 11.50 -9.79
C ASN A 135 17.93 12.73 -9.24
N GLN A 136 17.53 13.17 -8.05
CA GLN A 136 18.11 14.41 -7.50
C GLN A 136 19.57 14.29 -7.12
N THR A 137 19.96 13.12 -6.64
CA THR A 137 21.38 12.91 -6.34
C THR A 137 22.25 12.52 -7.54
N GLY A 138 21.64 12.23 -8.68
CA GLY A 138 22.38 11.63 -9.78
C GLY A 138 23.08 10.31 -9.41
N SER A 139 22.50 9.53 -8.52
CA SER A 139 23.19 8.33 -8.05
C SER A 139 22.26 7.16 -7.81
N CYS A 140 22.63 5.97 -8.29
CA CYS A 140 21.86 4.75 -8.03
C CYS A 140 22.11 4.14 -6.65
N ALA A 141 23.03 4.74 -5.88
CA ALA A 141 23.33 4.23 -4.56
C ALA A 141 22.26 4.65 -3.47
N PHE A 142 20.95 4.50 -3.78
CA PHE A 142 19.88 4.80 -2.80
C PHE A 142 19.90 3.95 -1.50
N ASP A 143 20.76 2.94 -1.45
CA ASP A 143 20.90 2.10 -0.25
C ASP A 143 21.94 2.66 0.71
N GLU A 144 22.54 3.75 0.30
CA GLU A 144 23.53 4.50 1.08
C GLU A 144 23.09 5.96 1.36
N PHE A 145 21.87 6.30 1.00
CA PHE A 145 21.37 7.67 1.23
C PHE A 145 20.94 7.94 2.66
N PHE A 146 20.04 7.10 3.17
CA PHE A 146 19.63 7.21 4.59
C PHE A 146 20.64 6.41 5.45
N SER A 147 20.93 6.90 6.64
CA SER A 147 21.88 6.18 7.48
C SER A 147 21.35 4.83 7.89
N GLN A 148 20.05 4.79 8.24
CA GLN A 148 19.38 3.55 8.55
C GLN A 148 17.92 3.69 8.11
N SER A 149 17.28 2.58 7.80
CA SER A 149 15.86 2.58 7.46
C SER A 149 15.15 1.33 7.93
N CYS A 150 13.82 1.38 7.88
CA CYS A 150 13.08 0.17 7.78
C CYS A 150 12.43 0.15 6.43
N ALA A 151 12.85 -0.78 5.57
CA ALA A 151 12.24 -0.91 4.26
C ALA A 151 11.94 -2.39 4.01
N PRO A 152 10.82 -2.87 4.51
CA PRO A 152 10.43 -4.30 4.48
C PRO A 152 10.67 -4.88 3.06
N GLY A 153 11.27 -6.05 3.00
CA GLY A 153 11.64 -6.65 1.68
C GLY A 153 13.11 -6.43 1.26
N ALA A 154 13.87 -5.56 1.94
CA ALA A 154 15.32 -5.39 1.61
C ALA A 154 16.12 -6.51 2.34
N ASP A 155 17.44 -6.56 2.16
CA ASP A 155 18.28 -7.61 2.86
C ASP A 155 18.24 -7.32 4.37
N PRO A 156 17.81 -8.30 5.19
CA PRO A 156 17.64 -7.99 6.60
C PRO A 156 18.96 -7.64 7.34
N LYS A 157 20.12 -7.94 6.75
CA LYS A 157 21.32 -7.51 7.42
C LYS A 157 21.76 -6.13 6.97
N SER A 158 21.08 -5.54 5.99
CA SER A 158 21.54 -4.24 5.42
C SER A 158 21.01 -3.09 6.21
N ARG A 159 21.58 -1.90 5.97
CA ARG A 159 21.11 -0.75 6.77
C ARG A 159 19.70 -0.36 6.31
N LEU A 160 19.26 -0.81 5.12
CA LEU A 160 17.82 -0.56 4.77
C LEU A 160 16.83 -1.31 5.66
N CYS A 161 17.28 -2.36 6.44
CA CYS A 161 16.41 -3.08 7.40
C CYS A 161 16.77 -2.79 8.83
N ALA A 162 17.75 -1.91 9.05
CA ALA A 162 18.30 -1.79 10.45
C ALA A 162 17.26 -1.32 11.44
N LEU A 163 16.30 -0.52 10.98
CA LEU A 163 15.25 -0.07 11.91
C LEU A 163 14.06 -0.93 12.08
N CYS A 164 13.90 -1.99 11.24
CA CYS A 164 12.70 -2.80 11.27
C CYS A 164 12.78 -3.61 12.55
N ALA A 165 11.63 -3.97 13.09
CA ALA A 165 11.53 -4.55 14.43
C ALA A 165 11.10 -6.02 14.41
N GLY A 166 10.64 -6.53 13.26
CA GLY A 166 10.01 -7.89 13.32
C GLY A 166 8.71 -8.00 14.13
N ASP A 167 8.36 -9.24 14.49
CA ASP A 167 7.14 -9.50 15.14
C ASP A 167 7.33 -9.41 16.69
N ASP A 168 6.32 -9.71 17.45
CA ASP A 168 6.45 -9.38 18.91
C ASP A 168 7.53 -10.22 19.52
N GLN A 169 7.77 -11.40 18.96
CA GLN A 169 8.91 -12.20 19.40
C GLN A 169 10.16 -11.70 18.82
N GLY A 170 10.07 -10.70 17.97
CA GLY A 170 11.26 -10.22 17.27
C GLY A 170 11.84 -11.12 16.20
N LEU A 171 11.03 -12.04 15.67
CA LEU A 171 11.38 -12.86 14.49
C LEU A 171 10.91 -12.11 13.23
N ASP A 172 11.39 -12.49 12.05
CA ASP A 172 10.70 -12.01 10.80
C ASP A 172 10.99 -10.54 10.59
N LYS A 173 12.10 -10.08 11.12
CA LYS A 173 12.56 -8.74 10.95
C LYS A 173 12.68 -8.42 9.47
N CYS A 174 12.07 -7.33 9.10
CA CYS A 174 12.07 -6.79 7.77
C CYS A 174 11.26 -7.60 6.75
N VAL A 175 10.45 -8.57 7.16
CA VAL A 175 9.74 -9.32 6.12
C VAL A 175 8.65 -8.31 5.65
N PRO A 176 8.33 -8.34 4.33
CA PRO A 176 7.32 -7.46 3.78
C PRO A 176 5.90 -8.03 3.94
N ASN A 177 5.45 -8.24 5.20
CA ASN A 177 4.06 -8.55 5.51
C ASN A 177 3.75 -7.97 6.90
N SER A 178 2.49 -8.01 7.30
CA SER A 178 2.03 -7.27 8.48
C SER A 178 2.60 -7.79 9.80
N LYS A 179 3.31 -8.94 9.80
CA LYS A 179 4.02 -9.42 11.00
C LYS A 179 5.10 -8.49 11.43
N GLU A 180 5.74 -7.83 10.45
CA GLU A 180 6.79 -6.87 10.74
C GLU A 180 6.08 -5.62 11.34
N LYS A 181 6.40 -5.29 12.60
CA LYS A 181 5.78 -4.09 13.24
C LYS A 181 5.69 -2.80 12.39
N TYR A 182 6.73 -2.51 11.59
CA TYR A 182 6.82 -1.27 10.79
C TYR A 182 6.42 -1.46 9.31
N TYR A 183 5.63 -2.50 9.06
CA TYR A 183 5.29 -2.83 7.64
C TYR A 183 4.15 -1.89 7.22
N GLY A 184 4.15 -1.45 5.96
CA GLY A 184 2.88 -0.95 5.40
C GLY A 184 2.68 0.50 5.73
N TYR A 185 1.55 1.07 5.30
CA TYR A 185 1.32 2.46 5.67
C TYR A 185 1.33 2.67 7.22
N THR A 186 0.57 1.83 7.93
CA THR A 186 0.36 2.01 9.38
C THR A 186 1.72 1.81 10.12
N GLY A 187 2.43 0.77 9.70
CA GLY A 187 3.80 0.49 10.29
C GLY A 187 4.85 1.52 10.04
N ALA A 188 4.91 2.12 8.83
CA ALA A 188 5.93 3.08 8.56
C ALA A 188 5.55 4.36 9.37
N PHE A 189 4.31 4.69 9.39
CA PHE A 189 3.94 5.91 10.22
C PHE A 189 4.20 5.65 11.73
N ARG A 190 3.96 4.45 12.22
CA ARG A 190 4.29 4.13 13.62
C ARG A 190 5.80 4.26 13.85
N CYS A 191 6.61 3.81 12.89
CA CYS A 191 8.05 4.01 12.93
C CYS A 191 8.44 5.47 13.14
N LEU A 192 7.77 6.39 12.41
CA LEU A 192 7.95 7.81 12.68
C LEU A 192 7.36 8.19 14.03
N ALA A 193 6.15 7.76 14.35
CA ALA A 193 5.45 8.21 15.59
C ALA A 193 6.34 7.89 16.81
N GLU A 194 7.00 6.75 16.74
CA GLU A 194 7.78 6.26 17.86
C GLU A 194 9.17 6.81 17.83
N ASP A 195 9.45 7.71 16.88
CA ASP A 195 10.77 8.28 16.61
C ASP A 195 11.88 7.26 16.38
N VAL A 196 11.51 6.10 15.83
CA VAL A 196 12.55 5.20 15.31
C VAL A 196 13.18 5.80 14.05
N GLY A 197 12.34 6.48 13.28
CA GLY A 197 12.85 7.16 12.09
C GLY A 197 12.60 8.68 12.16
N ASP A 198 13.28 9.42 11.26
CA ASP A 198 13.08 10.88 11.09
C ASP A 198 11.98 11.23 10.09
N VAL A 199 11.76 10.29 9.17
CA VAL A 199 10.83 10.59 8.05
C VAL A 199 10.05 9.26 7.74
N ALA A 200 8.74 9.37 7.41
CA ALA A 200 8.00 8.20 6.94
C ALA A 200 7.44 8.57 5.56
N PHE A 201 7.60 7.62 4.63
CA PHE A 201 7.02 7.79 3.26
C PHE A 201 5.78 6.99 3.22
N VAL A 202 4.64 7.71 3.32
CA VAL A 202 3.36 7.10 3.38
C VAL A 202 2.40 7.90 2.54
N LYS A 203 1.11 7.77 2.77
CA LYS A 203 0.20 8.64 2.01
C LYS A 203 -0.51 9.62 2.96
N ASN A 204 -1.13 10.64 2.36
CA ASN A 204 -1.85 11.66 3.16
C ASN A 204 -2.84 11.00 4.11
N ASP A 205 -3.67 10.03 3.67
CA ASP A 205 -4.67 9.48 4.56
C ASP A 205 -4.15 8.80 5.81
N THR A 206 -3.01 8.17 5.68
CA THR A 206 -2.37 7.53 6.85
C THR A 206 -2.23 8.48 8.08
N VAL A 207 -1.78 9.69 7.84
CA VAL A 207 -1.56 10.63 8.95
C VAL A 207 -2.89 10.97 9.63
N TRP A 208 -3.87 11.36 8.83
CA TRP A 208 -5.27 11.50 9.36
C TRP A 208 -5.87 10.42 10.12
N GLU A 209 -5.78 9.19 9.59
CA GLU A 209 -6.42 8.05 10.17
C GLU A 209 -5.73 7.54 11.42
N ASN A 210 -4.55 8.04 11.76
CA ASN A 210 -3.87 7.51 12.94
C ASN A 210 -3.53 8.66 13.92
N THR A 211 -4.34 9.71 13.90
CA THR A 211 -4.03 10.87 14.80
C THR A 211 -5.41 11.41 15.30
N ASN A 212 -5.34 12.24 16.35
CA ASN A 212 -6.56 12.93 16.89
C ASN A 212 -7.70 12.00 17.23
N GLY A 213 -7.35 10.84 17.80
CA GLY A 213 -8.35 9.84 18.20
C GLY A 213 -8.97 8.97 17.11
N GLU A 214 -8.56 9.17 15.85
CA GLU A 214 -9.11 8.33 14.74
C GLU A 214 -8.61 6.90 14.86
N SER A 215 -7.48 6.70 15.52
CA SER A 215 -7.11 5.34 15.90
C SER A 215 -7.02 5.23 17.42
N THR A 216 -7.51 4.13 17.98
CA THR A 216 -7.46 3.90 19.43
C THR A 216 -6.34 2.94 19.81
N ALA A 217 -5.59 2.51 18.80
CA ALA A 217 -4.44 1.63 19.02
C ALA A 217 -3.47 2.28 19.98
N ASP A 218 -2.84 1.47 20.82
CA ASP A 218 -2.02 2.07 21.87
C ASP A 218 -0.93 3.06 21.42
N TRP A 219 -0.27 2.75 20.27
CA TRP A 219 0.83 3.61 19.83
C TRP A 219 0.31 4.90 19.18
N ALA A 220 -0.95 4.89 18.71
CA ALA A 220 -1.57 6.01 17.94
C ALA A 220 -2.56 6.93 18.74
N LYS A 221 -3.08 6.35 19.81
CA LYS A 221 -4.17 6.98 20.58
C LYS A 221 -3.84 8.40 21.07
N ASN A 222 -2.58 8.70 21.38
CA ASN A 222 -2.18 10.08 21.75
C ASN A 222 -1.58 10.99 20.69
N LEU A 223 -1.57 10.55 19.43
CA LEU A 223 -0.86 11.32 18.45
C LEU A 223 -1.73 12.50 18.04
N LYS A 224 -1.10 13.67 17.88
CA LYS A 224 -1.82 14.87 17.48
C LYS A 224 -1.34 15.32 16.18
N ARG A 225 -2.21 15.64 15.25
CA ARG A 225 -1.81 16.01 13.90
C ARG A 225 -0.91 17.17 13.86
N GLU A 226 -1.12 18.07 14.82
CA GLU A 226 -0.33 19.26 14.88
C GLU A 226 1.15 18.97 15.16
N ASP A 227 1.46 17.79 15.67
CA ASP A 227 2.85 17.44 15.96
C ASP A 227 3.61 16.87 14.76
N PHE A 228 2.95 16.90 13.59
CA PHE A 228 3.56 16.44 12.34
C PHE A 228 3.58 17.50 11.27
N ARG A 229 4.57 17.42 10.37
CA ARG A 229 4.64 18.28 9.20
C ARG A 229 4.89 17.44 7.95
N LEU A 230 4.41 17.94 6.82
CA LEU A 230 4.78 17.32 5.51
C LEU A 230 6.00 18.01 4.97
N LEU A 231 6.84 17.27 4.24
CA LEU A 231 7.99 17.82 3.57
C LEU A 231 7.64 18.16 2.11
N CYS A 232 7.81 19.43 1.65
CA CYS A 232 7.47 19.70 0.25
C CYS A 232 8.65 19.63 -0.62
N LEU A 233 8.45 19.30 -1.90
CA LEU A 233 9.60 19.21 -2.81
C LEU A 233 10.39 20.52 -2.98
N ASP A 234 9.76 21.66 -2.71
CA ASP A 234 10.48 22.94 -2.75
C ASP A 234 11.21 23.28 -1.46
N GLY A 235 11.27 22.38 -0.48
CA GLY A 235 12.13 22.67 0.65
C GLY A 235 11.40 23.25 1.83
N THR A 236 10.11 23.53 1.70
CA THR A 236 9.31 24.02 2.80
C THR A 236 8.68 22.85 3.58
N ARG A 237 8.15 23.17 4.75
CA ARG A 237 7.50 22.22 5.60
C ARG A 237 6.07 22.76 5.76
N LYS A 238 5.08 21.90 5.65
CA LYS A 238 3.72 22.36 5.86
C LYS A 238 2.91 21.53 6.82
N PRO A 239 1.84 22.12 7.37
CA PRO A 239 0.93 21.28 8.17
C PRO A 239 0.23 20.23 7.29
N VAL A 240 -0.24 19.19 7.93
CA VAL A 240 -0.74 17.99 7.26
C VAL A 240 -2.08 18.22 6.61
N THR A 241 -2.75 19.33 6.95
CA THR A 241 -3.93 19.81 6.24
C THR A 241 -3.61 20.33 4.85
N GLU A 242 -2.33 20.53 4.51
CA GLU A 242 -1.91 21.08 3.20
C GLU A 242 -1.40 20.07 2.19
N ALA A 243 -1.81 18.82 2.28
CA ALA A 243 -1.20 17.76 1.42
C ALA A 243 -1.46 18.01 -0.06
N GLN A 244 -2.56 18.71 -0.41
CA GLN A 244 -2.86 19.04 -1.86
C GLN A 244 -1.82 19.92 -2.45
N SER A 245 -1.08 20.62 -1.59
CA SER A 245 0.01 21.43 -2.08
C SER A 245 1.37 21.06 -1.56
N CYS A 246 1.47 19.89 -0.93
CA CYS A 246 2.79 19.52 -0.41
C CYS A 246 2.86 17.99 -0.45
N HIS A 247 2.83 17.38 -1.65
CA HIS A 247 3.00 15.91 -1.77
C HIS A 247 4.11 15.62 -2.78
N LEU A 248 4.52 14.36 -2.85
CA LEU A 248 5.58 13.94 -3.71
C LEU A 248 4.98 13.45 -5.00
N ALA A 249 3.72 12.96 -4.97
CA ALA A 249 3.01 12.51 -6.20
C ALA A 249 1.62 12.16 -5.90
N VAL A 250 0.81 11.97 -6.98
CA VAL A 250 -0.42 11.37 -6.87
C VAL A 250 -0.28 9.86 -7.35
N ALA A 251 -0.64 8.92 -6.49
CA ALA A 251 -0.41 7.45 -6.77
C ALA A 251 -1.72 6.88 -7.34
N PRO A 252 -1.64 5.89 -8.29
CA PRO A 252 -2.87 5.17 -8.64
C PRO A 252 -3.41 4.27 -7.51
N ASN A 253 -4.74 4.20 -7.30
CA ASN A 253 -5.27 3.44 -6.21
C ASN A 253 -4.80 1.93 -6.32
N HIS A 254 -4.66 1.30 -5.13
CA HIS A 254 -4.51 -0.17 -5.04
C HIS A 254 -5.64 -0.83 -5.77
N ALA A 255 -5.31 -1.90 -6.45
CA ALA A 255 -6.34 -2.55 -7.29
C ALA A 255 -6.20 -4.09 -7.22
N VAL A 256 -7.29 -4.81 -7.49
CA VAL A 256 -7.29 -6.29 -7.64
C VAL A 256 -6.64 -6.65 -8.98
N VAL A 257 -5.81 -7.68 -8.99
CA VAL A 257 -5.25 -8.17 -10.25
C VAL A 257 -5.49 -9.65 -10.34
N SER A 258 -5.55 -10.15 -11.59
CA SER A 258 -5.74 -11.60 -11.77
C SER A 258 -5.14 -12.02 -13.12
N ARG A 259 -5.11 -13.33 -13.36
CA ARG A 259 -4.81 -13.77 -14.75
C ARG A 259 -5.90 -13.28 -15.58
N SER A 260 -5.51 -12.86 -16.76
CA SER A 260 -6.46 -12.36 -17.72
C SER A 260 -7.61 -13.34 -17.96
N ASP A 261 -7.28 -14.62 -18.01
CA ASP A 261 -8.30 -15.65 -18.30
C ASP A 261 -9.31 -15.87 -17.15
N ARG A 262 -9.01 -15.33 -15.94
CA ARG A 262 -9.92 -15.43 -14.80
C ARG A 262 -10.58 -14.07 -14.40
N ALA A 263 -10.21 -12.97 -15.11
CA ALA A 263 -10.57 -11.61 -14.70
C ALA A 263 -12.05 -11.40 -14.62
N ALA A 264 -12.77 -11.88 -15.67
CA ALA A 264 -14.21 -11.75 -15.71
C ALA A 264 -14.88 -12.43 -14.51
N HIS A 265 -14.48 -13.67 -14.22
CA HIS A 265 -15.13 -14.38 -13.09
C HIS A 265 -14.76 -13.71 -11.78
N VAL A 266 -13.49 -13.34 -11.64
CA VAL A 266 -13.03 -12.66 -10.36
C VAL A 266 -13.84 -11.37 -10.14
N GLU A 267 -13.98 -10.60 -11.18
CA GLU A 267 -14.79 -9.42 -11.11
C GLU A 267 -16.22 -9.66 -10.64
N GLN A 268 -16.94 -10.63 -11.23
CA GLN A 268 -18.37 -10.79 -10.84
C GLN A 268 -18.53 -11.30 -9.40
N VAL A 269 -17.56 -12.16 -9.01
CA VAL A 269 -17.62 -12.71 -7.69
C VAL A 269 -17.33 -11.58 -6.74
N LEU A 270 -16.29 -10.79 -6.99
CA LEU A 270 -16.03 -9.63 -6.07
C LEU A 270 -17.19 -8.65 -5.97
N LEU A 271 -17.80 -8.32 -7.12
CA LEU A 271 -19.00 -7.45 -7.04
C LEU A 271 -20.11 -7.96 -6.11
N HIS A 272 -20.39 -9.26 -6.16
CA HIS A 272 -21.33 -9.88 -5.27
C HIS A 272 -20.83 -9.98 -3.85
N GLN A 273 -19.53 -10.27 -3.64
CA GLN A 273 -19.02 -10.29 -2.26
C GLN A 273 -19.08 -8.92 -1.58
N GLN A 274 -18.84 -7.86 -2.31
CA GLN A 274 -18.94 -6.56 -1.62
C GLN A 274 -20.40 -6.12 -1.33
N ALA A 275 -21.34 -6.58 -2.16
CA ALA A 275 -22.76 -6.34 -1.85
C ALA A 275 -23.12 -7.01 -0.50
N LEU A 276 -22.47 -8.14 -0.20
CA LEU A 276 -22.66 -8.78 1.06
C LEU A 276 -21.85 -8.12 2.18
N PHE A 277 -20.58 -7.84 1.91
CA PHE A 277 -19.65 -7.57 3.02
C PHE A 277 -18.99 -6.25 2.96
N GLY A 278 -19.31 -5.46 1.95
CA GLY A 278 -18.64 -4.22 1.76
C GLY A 278 -19.32 -3.14 2.64
N LYS A 279 -19.00 -1.90 2.32
CA LYS A 279 -19.33 -0.74 3.17
C LYS A 279 -20.79 -0.69 3.64
N ASN A 280 -21.77 -0.79 2.75
CA ASN A 280 -23.16 -0.86 3.31
C ASN A 280 -23.74 -2.24 3.27
N GLY A 281 -22.89 -3.26 3.33
CA GLY A 281 -23.25 -4.60 2.87
C GLY A 281 -24.32 -5.30 3.68
N LYS A 282 -25.01 -6.22 3.02
CA LYS A 282 -26.11 -6.94 3.65
C LYS A 282 -25.68 -7.55 4.95
N ASN A 283 -24.43 -7.99 5.04
CA ASN A 283 -23.94 -8.72 6.17
C ASN A 283 -22.84 -8.00 6.90
N CYS A 284 -22.69 -6.71 6.63
CA CYS A 284 -21.70 -5.90 7.40
C CYS A 284 -22.44 -4.73 8.03
N PRO A 285 -22.29 -4.51 9.37
CA PRO A 285 -21.32 -5.10 10.34
C PRO A 285 -21.70 -6.39 11.00
N ASP A 286 -22.91 -6.84 10.68
CA ASP A 286 -23.54 -8.07 11.11
C ASP A 286 -22.57 -9.22 11.34
N LYS A 287 -22.04 -9.71 10.22
CA LYS A 287 -21.33 -10.98 10.23
C LYS A 287 -19.87 -10.76 9.88
N PHE A 288 -19.60 -9.97 8.84
CA PHE A 288 -18.23 -9.77 8.36
C PHE A 288 -18.10 -8.51 7.50
N CYS A 289 -17.07 -7.70 7.77
CA CYS A 289 -16.78 -6.53 6.95
C CYS A 289 -15.46 -6.74 6.21
N LEU A 290 -15.57 -6.84 4.89
CA LEU A 290 -14.45 -7.07 4.00
C LEU A 290 -13.42 -5.91 4.10
N PHE A 291 -13.88 -4.67 4.41
CA PHE A 291 -12.99 -3.52 4.37
C PHE A 291 -12.64 -3.03 5.74
N LYS A 292 -12.86 -3.86 6.79
CA LYS A 292 -12.34 -3.56 8.14
C LYS A 292 -11.31 -4.60 8.58
N SER A 293 -10.34 -4.16 9.38
CA SER A 293 -9.40 -5.05 10.10
C SER A 293 -8.67 -4.26 11.26
N GLU A 294 -9.43 -3.45 11.97
CA GLU A 294 -8.81 -2.55 13.01
C GLU A 294 -7.49 -1.83 12.59
N THR A 295 -7.57 -1.02 11.53
CA THR A 295 -6.49 -0.14 11.00
C THR A 295 -5.27 -0.86 10.42
N LYS A 296 -5.39 -2.14 10.20
CA LYS A 296 -4.25 -2.88 9.88
C LYS A 296 -4.23 -3.06 8.36
N ASN A 297 -5.31 -2.69 7.68
CA ASN A 297 -5.29 -2.62 6.18
C ASN A 297 -4.99 -4.03 5.67
N LEU A 298 -5.74 -5.02 6.16
CA LEU A 298 -5.51 -6.46 5.74
C LEU A 298 -6.40 -6.81 4.53
N LEU A 299 -5.80 -7.26 3.41
CA LEU A 299 -6.48 -7.63 2.09
C LEU A 299 -6.84 -6.37 1.30
N PHE A 300 -7.47 -5.38 1.97
CA PHE A 300 -7.84 -4.05 1.41
C PHE A 300 -7.52 -2.97 2.42
N ASN A 301 -7.32 -1.71 1.98
CA ASN A 301 -7.18 -0.61 2.90
C ASN A 301 -8.47 -0.43 3.64
N ASP A 302 -8.35 -0.22 4.94
CA ASP A 302 -9.54 -0.01 5.79
C ASP A 302 -10.37 1.19 5.35
N ASN A 303 -9.80 2.16 4.65
CA ASN A 303 -10.60 3.32 4.16
C ASN A 303 -11.33 3.08 2.80
N THR A 304 -11.37 1.82 2.33
CA THR A 304 -12.01 1.51 1.05
C THR A 304 -13.54 1.61 1.19
N GLU A 305 -14.17 2.43 0.37
CA GLU A 305 -15.63 2.45 0.37
C GLU A 305 -16.23 1.30 -0.51
N CYS A 306 -15.61 0.98 -1.67
CA CYS A 306 -16.00 -0.12 -2.52
C CYS A 306 -14.83 -0.41 -3.48
N LEU A 307 -14.93 -1.52 -4.19
CA LEU A 307 -14.04 -1.82 -5.27
C LEU A 307 -14.87 -1.32 -6.49
N ALA A 308 -14.22 -0.53 -7.32
CA ALA A 308 -14.95 0.14 -8.44
C ALA A 308 -14.52 -0.42 -9.79
N LYS A 309 -15.45 -0.48 -10.72
CA LYS A 309 -15.10 -0.81 -12.11
C LYS A 309 -14.15 0.12 -12.76
N LEU A 310 -13.27 -0.38 -13.67
CA LEU A 310 -12.30 0.42 -14.31
C LEU A 310 -12.94 0.87 -15.62
N GLY A 311 -12.65 2.09 -16.05
CA GLY A 311 -13.07 2.61 -17.39
C GLY A 311 -12.08 2.14 -18.42
N GLY A 312 -12.58 1.67 -19.58
CA GLY A 312 -11.71 1.43 -20.71
C GLY A 312 -10.86 0.17 -20.70
N ARG A 313 -11.28 -0.82 -19.90
CA ARG A 313 -10.59 -2.14 -19.87
C ARG A 313 -9.10 -1.97 -19.92
N PRO A 314 -8.55 -1.26 -18.93
CA PRO A 314 -7.18 -0.84 -19.10
C PRO A 314 -6.16 -1.96 -18.96
N THR A 315 -5.08 -1.82 -19.71
CA THR A 315 -3.90 -2.65 -19.42
C THR A 315 -3.23 -2.14 -18.09
N TYR A 316 -2.26 -2.90 -17.59
CA TYR A 316 -1.66 -2.44 -16.33
C TYR A 316 -0.92 -1.11 -16.54
N GLU A 317 -0.39 -0.90 -17.76
CA GLU A 317 0.24 0.35 -18.13
C GLU A 317 -0.69 1.53 -18.19
N GLU A 318 -1.88 1.33 -18.71
CA GLU A 318 -2.87 2.35 -18.72
C GLU A 318 -3.38 2.66 -17.32
N TYR A 319 -3.54 1.63 -16.52
CA TYR A 319 -4.03 1.79 -15.18
C TYR A 319 -3.07 2.63 -14.33
N LEU A 320 -1.80 2.28 -14.40
CA LEU A 320 -0.76 2.94 -13.68
C LEU A 320 -0.44 4.36 -14.20
N GLY A 321 -0.54 4.53 -15.52
CA GLY A 321 -0.20 5.75 -16.18
C GLY A 321 1.22 5.76 -16.66
N THR A 322 1.43 6.25 -17.87
CA THR A 322 2.73 6.03 -18.53
C THR A 322 3.87 6.61 -17.76
N GLU A 323 3.64 7.79 -17.20
CA GLU A 323 4.65 8.49 -16.41
C GLU A 323 5.10 7.67 -15.17
N TYR A 324 4.14 7.20 -14.37
CA TYR A 324 4.50 6.28 -13.23
C TYR A 324 5.25 5.07 -13.72
N VAL A 325 4.78 4.41 -14.80
CA VAL A 325 5.50 3.21 -15.30
C VAL A 325 6.92 3.54 -15.68
N THR A 326 7.07 4.71 -16.30
CA THR A 326 8.40 5.13 -16.75
C THR A 326 9.31 5.49 -15.55
N ALA A 327 8.76 6.23 -14.60
CA ALA A 327 9.50 6.43 -13.31
C ALA A 327 9.99 5.09 -12.68
N ILE A 328 9.08 4.11 -12.61
CA ILE A 328 9.44 2.75 -12.12
C ILE A 328 10.55 2.07 -12.92
N ALA A 329 10.35 1.98 -14.23
CA ALA A 329 11.39 1.47 -15.15
C ALA A 329 12.78 2.13 -14.84
N ASN A 330 12.77 3.46 -14.74
CA ASN A 330 13.98 4.25 -14.47
C ASN A 330 14.66 3.92 -13.16
N LEU A 331 13.84 3.80 -12.10
CA LEU A 331 14.40 3.41 -10.80
C LEU A 331 14.94 2.00 -10.83
N LYS A 332 14.23 1.08 -11.51
CA LYS A 332 14.67 -0.36 -11.53
C LYS A 332 16.01 -0.58 -12.29
N LYS A 333 16.37 0.36 -13.14
CA LYS A 333 17.70 0.37 -13.72
C LYS A 333 18.83 0.40 -12.69
N CYS A 334 18.60 0.95 -11.49
CA CYS A 334 19.60 0.91 -10.43
C CYS A 334 19.88 -0.45 -9.79
N SER A 335 19.02 -1.43 -10.02
CA SER A 335 19.28 -2.75 -9.45
C SER A 335 18.61 -3.86 -10.24
N LEU A 340 15.12 -6.83 -20.84
CA LEU A 340 15.17 -5.72 -19.87
C LEU A 340 13.76 -5.40 -19.32
N GLU A 341 12.72 -5.87 -20.03
CA GLU A 341 11.31 -5.65 -19.64
C GLU A 341 10.51 -6.97 -19.46
N ALA A 342 11.22 -8.07 -19.17
CA ALA A 342 10.62 -9.40 -18.99
C ALA A 342 9.93 -9.55 -17.59
N CYS A 343 9.13 -10.61 -17.44
CA CYS A 343 8.67 -11.01 -16.12
C CYS A 343 9.87 -11.33 -15.17
N ALA A 344 9.92 -10.63 -14.03
CA ALA A 344 10.86 -10.93 -12.91
C ALA A 344 10.91 -12.40 -12.41
N PHE A 345 9.94 -13.23 -12.83
CA PHE A 345 9.90 -14.63 -12.40
C PHE A 345 10.11 -15.61 -13.56
#